data_2EKM
#
_entry.id   2EKM
#
_cell.length_a   63.200
_cell.length_b   63.200
_cell.length_c   229.460
_cell.angle_alpha   90.00
_cell.angle_beta   90.00
_cell.angle_gamma   90.00
#
_symmetry.space_group_name_H-M   'P 41 21 2'
#
loop_
_entity.id
_entity.type
_entity.pdbx_description
1 polymer 'Hypothetical protein ST1511'
2 non-polymer GLYCEROL
3 water water
#
_entity_poly.entity_id   1
_entity_poly.type   'polypeptide(L)'
_entity_poly.pdbx_seq_one_letter_code
;MSVKIDVIRVEIPEGTNVIIGQSHFIKTVEDLYETLASSSPHLKFGIAFCEASGKRLIRWDGNDEELIKLAQQTALKIGA
GHTFVIYIKNGFPINVLNRIKNVEEVVRIFAATANPLQVLVAETDQGRGVIGVVDGYTPLGIETEADIKERKELLRKFGY
KR
;
_entity_poly.pdbx_strand_id   A,B,C
#
loop_
_chem_comp.id
_chem_comp.type
_chem_comp.name
_chem_comp.formula
GOL non-polymer GLYCEROL 'C3 H8 O3'
#
# COMPACT_ATOMS: atom_id res chain seq x y z
N VAL A 3 16.85 -15.65 -3.19
CA VAL A 3 15.52 -15.12 -3.61
C VAL A 3 15.46 -14.83 -5.11
N LYS A 4 14.63 -15.57 -5.82
CA LYS A 4 14.47 -15.38 -7.26
C LYS A 4 13.36 -14.38 -7.54
N ILE A 5 13.52 -13.59 -8.60
CA ILE A 5 12.51 -12.63 -8.97
C ILE A 5 12.00 -12.88 -10.39
N ASP A 6 10.69 -13.00 -10.51
CA ASP A 6 10.05 -13.25 -11.80
C ASP A 6 9.32 -12.00 -12.27
N VAL A 7 9.29 -11.79 -13.58
CA VAL A 7 8.62 -10.65 -14.18
C VAL A 7 7.39 -11.19 -14.91
N ILE A 8 6.22 -10.92 -14.38
CA ILE A 8 4.96 -11.42 -14.95
C ILE A 8 4.24 -10.40 -15.84
N ARG A 9 3.98 -10.80 -17.08
CA ARG A 9 3.28 -9.95 -18.03
C ARG A 9 1.77 -10.09 -17.81
N VAL A 10 1.11 -8.97 -17.54
CA VAL A 10 -0.33 -8.97 -17.30
C VAL A 10 -1.08 -8.57 -18.57
N GLU A 11 -1.96 -9.44 -19.05
CA GLU A 11 -2.71 -9.13 -20.26
C GLU A 11 -3.85 -8.18 -19.95
N ILE A 12 -3.91 -7.07 -20.68
CA ILE A 12 -4.96 -6.08 -20.50
C ILE A 12 -5.57 -5.80 -21.87
N PRO A 13 -6.63 -6.52 -22.23
CA PRO A 13 -7.29 -6.32 -23.54
C PRO A 13 -7.84 -4.90 -23.66
N GLU A 14 -7.86 -4.40 -24.89
CA GLU A 14 -8.38 -3.07 -25.17
C GLU A 14 -9.75 -2.90 -24.57
N GLY A 15 -9.99 -1.77 -23.92
CA GLY A 15 -11.29 -1.51 -23.30
C GLY A 15 -11.38 -1.88 -21.83
N THR A 16 -10.43 -2.66 -21.34
CA THR A 16 -10.46 -3.05 -19.94
C THR A 16 -9.39 -2.37 -19.10
N ASN A 17 -9.56 -2.50 -17.79
CA ASN A 17 -8.62 -1.96 -16.82
C ASN A 17 -8.45 -3.09 -15.81
N VAL A 18 -7.26 -3.20 -15.24
CA VAL A 18 -7.02 -4.24 -14.26
C VAL A 18 -6.58 -3.59 -12.95
N ILE A 19 -7.03 -4.17 -11.85
CA ILE A 19 -6.68 -3.69 -10.51
C ILE A 19 -6.17 -4.90 -9.74
N ILE A 20 -4.95 -4.81 -9.27
CA ILE A 20 -4.32 -5.90 -8.53
C ILE A 20 -3.92 -5.46 -7.13
N GLY A 21 -4.22 -6.30 -6.15
CA GLY A 21 -3.87 -5.96 -4.78
C GLY A 21 -3.63 -7.17 -3.90
N GLN A 22 -3.70 -6.95 -2.60
CA GLN A 22 -3.50 -8.01 -1.62
C GLN A 22 -4.62 -7.93 -0.59
N SER A 23 -5.10 -9.09 -0.17
CA SER A 23 -6.18 -9.17 0.80
C SER A 23 -5.98 -10.37 1.72
N HIS A 24 -7.03 -10.73 2.45
CA HIS A 24 -6.97 -11.89 3.33
C HIS A 24 -8.41 -12.33 3.63
N PHE A 25 -8.58 -13.57 4.06
CA PHE A 25 -9.88 -14.15 4.38
C PHE A 25 -10.71 -14.39 3.11
N ILE A 26 -11.38 -15.53 3.08
CA ILE A 26 -12.19 -15.93 1.94
C ILE A 26 -13.33 -14.94 1.62
N LYS A 27 -13.77 -14.17 2.62
CA LYS A 27 -14.85 -13.21 2.42
C LYS A 27 -14.48 -12.10 1.43
N THR A 28 -13.20 -12.06 1.07
CA THR A 28 -12.71 -11.07 0.11
C THR A 28 -13.53 -11.08 -1.18
N VAL A 29 -13.76 -12.27 -1.71
CA VAL A 29 -14.51 -12.43 -2.95
C VAL A 29 -15.92 -11.83 -2.94
N GLU A 30 -16.75 -12.23 -1.98
CA GLU A 30 -18.10 -11.69 -1.91
C GLU A 30 -18.12 -10.20 -1.62
N ASP A 31 -17.18 -9.73 -0.81
CA ASP A 31 -17.12 -8.31 -0.49
C ASP A 31 -16.72 -7.48 -1.71
N LEU A 32 -15.78 -7.98 -2.50
CA LEU A 32 -15.39 -7.27 -3.70
C LEU A 32 -16.54 -7.30 -4.71
N TYR A 33 -17.17 -8.46 -4.85
CA TYR A 33 -18.29 -8.60 -5.78
C TYR A 33 -19.39 -7.60 -5.41
N GLU A 34 -19.74 -7.57 -4.13
CA GLU A 34 -20.79 -6.69 -3.64
C GLU A 34 -20.54 -5.20 -3.86
N THR A 35 -19.35 -4.72 -3.51
CA THR A 35 -19.05 -3.31 -3.67
C THR A 35 -18.98 -2.88 -5.14
N LEU A 36 -18.56 -3.78 -6.01
CA LEU A 36 -18.50 -3.46 -7.44
C LEU A 36 -19.91 -3.45 -8.02
N ALA A 37 -20.71 -4.45 -7.64
CA ALA A 37 -22.09 -4.56 -8.11
C ALA A 37 -22.92 -3.33 -7.75
N SER A 38 -22.73 -2.80 -6.54
CA SER A 38 -23.51 -1.64 -6.13
C SER A 38 -22.83 -0.31 -6.44
N SER A 39 -21.76 -0.34 -7.24
CA SER A 39 -21.07 0.90 -7.60
C SER A 39 -21.79 1.50 -8.80
N SER A 40 -22.38 0.62 -9.62
CA SER A 40 -23.10 1.03 -10.81
C SER A 40 -23.83 -0.17 -11.44
N PRO A 41 -25.01 0.07 -12.03
CA PRO A 41 -25.76 -1.03 -12.64
C PRO A 41 -25.22 -1.45 -14.01
N HIS A 42 -24.19 -0.77 -14.50
CA HIS A 42 -23.65 -1.11 -15.84
C HIS A 42 -22.18 -1.58 -15.81
N LEU A 43 -21.51 -1.47 -14.67
CA LEU A 43 -20.12 -1.92 -14.61
C LEU A 43 -20.03 -3.43 -14.83
N LYS A 44 -19.08 -3.84 -15.66
CA LYS A 44 -18.85 -5.26 -15.93
C LYS A 44 -17.55 -5.57 -15.22
N PHE A 45 -17.49 -6.69 -14.50
CA PHE A 45 -16.28 -7.01 -13.78
C PHE A 45 -16.05 -8.50 -13.53
N GLY A 46 -14.79 -8.83 -13.27
CA GLY A 46 -14.40 -10.20 -12.98
C GLY A 46 -13.43 -10.13 -11.82
N ILE A 47 -13.57 -11.05 -10.86
CA ILE A 47 -12.73 -11.05 -9.67
C ILE A 47 -12.06 -12.41 -9.39
N ALA A 48 -10.79 -12.37 -9.03
CA ALA A 48 -10.05 -13.58 -8.70
C ALA A 48 -9.28 -13.32 -7.40
N PHE A 49 -9.26 -14.32 -6.52
CA PHE A 49 -8.59 -14.21 -5.23
C PHE A 49 -7.79 -15.48 -4.93
N CYS A 50 -6.53 -15.32 -4.55
CA CYS A 50 -5.68 -16.47 -4.26
C CYS A 50 -5.73 -16.96 -2.81
N GLU A 51 -6.62 -17.91 -2.55
CA GLU A 51 -6.71 -18.50 -1.21
C GLU A 51 -5.31 -19.05 -0.96
N ALA A 52 -4.71 -18.73 0.18
CA ALA A 52 -3.34 -19.15 0.47
C ALA A 52 -3.15 -20.32 1.42
N SER A 53 -4.25 -20.95 1.81
CA SER A 53 -4.21 -22.10 2.72
C SER A 53 -5.33 -23.06 2.33
N GLY A 54 -5.43 -24.17 3.05
CA GLY A 54 -6.46 -25.14 2.74
C GLY A 54 -6.31 -25.64 1.33
N LYS A 55 -7.37 -25.55 0.53
CA LYS A 55 -7.35 -26.02 -0.84
C LYS A 55 -6.54 -25.13 -1.78
N ARG A 56 -6.16 -23.94 -1.32
CA ARG A 56 -5.36 -23.02 -2.11
C ARG A 56 -5.94 -22.83 -3.51
N LEU A 57 -7.25 -22.58 -3.58
CA LEU A 57 -7.94 -22.40 -4.85
C LEU A 57 -8.15 -20.94 -5.24
N ILE A 58 -8.09 -20.67 -6.53
CA ILE A 58 -8.35 -19.33 -7.02
C ILE A 58 -9.86 -19.17 -6.86
N ARG A 59 -10.29 -18.26 -5.99
CA ARG A 59 -11.71 -18.04 -5.76
C ARG A 59 -12.15 -16.91 -6.67
N TRP A 60 -13.34 -17.03 -7.25
CA TRP A 60 -13.77 -16.00 -8.19
C TRP A 60 -15.26 -15.74 -8.27
N ASP A 61 -15.59 -14.59 -8.87
CA ASP A 61 -16.96 -14.17 -9.09
C ASP A 61 -16.93 -12.97 -10.03
N GLY A 62 -18.10 -12.50 -10.42
CA GLY A 62 -18.19 -11.36 -11.32
C GLY A 62 -19.47 -11.46 -12.12
N ASN A 63 -19.66 -10.55 -13.08
CA ASN A 63 -20.86 -10.58 -13.91
C ASN A 63 -20.51 -10.62 -15.40
N ASP A 64 -19.26 -10.97 -15.70
CA ASP A 64 -18.79 -11.07 -17.07
C ASP A 64 -17.82 -12.24 -17.16
N GLU A 65 -18.23 -13.26 -17.91
CA GLU A 65 -17.44 -14.47 -18.08
C GLU A 65 -16.01 -14.23 -18.57
N GLU A 66 -15.85 -13.37 -19.58
CA GLU A 66 -14.53 -13.10 -20.12
C GLU A 66 -13.63 -12.35 -19.12
N LEU A 67 -14.21 -11.45 -18.34
CA LEU A 67 -13.42 -10.70 -17.37
C LEU A 67 -12.99 -11.63 -16.23
N ILE A 68 -13.86 -12.58 -15.89
CA ILE A 68 -13.56 -13.54 -14.84
C ILE A 68 -12.36 -14.38 -15.27
N LYS A 69 -12.36 -14.85 -16.52
CA LYS A 69 -11.26 -15.66 -17.04
C LYS A 69 -9.94 -14.90 -17.01
N LEU A 70 -9.98 -13.63 -17.38
CA LEU A 70 -8.77 -12.81 -17.37
C LEU A 70 -8.24 -12.74 -15.94
N ALA A 71 -9.13 -12.47 -14.98
CA ALA A 71 -8.73 -12.39 -13.58
C ALA A 71 -8.11 -13.69 -13.11
N GLN A 72 -8.72 -14.82 -13.47
CA GLN A 72 -8.22 -16.13 -13.10
C GLN A 72 -6.81 -16.36 -13.64
N GLN A 73 -6.64 -16.10 -14.92
CA GLN A 73 -5.35 -16.27 -15.58
C GLN A 73 -4.25 -15.42 -14.94
N THR A 74 -4.52 -14.13 -14.80
CA THR A 74 -3.54 -13.23 -14.20
C THR A 74 -3.21 -13.66 -12.76
N ALA A 75 -4.22 -14.07 -12.00
CA ALA A 75 -4.00 -14.52 -10.62
C ALA A 75 -3.09 -15.74 -10.58
N LEU A 76 -3.28 -16.65 -11.54
CA LEU A 76 -2.45 -17.85 -11.61
C LEU A 76 -1.01 -17.52 -12.00
N LYS A 77 -0.85 -16.59 -12.93
CA LYS A 77 0.47 -16.20 -13.39
C LYS A 77 1.27 -15.52 -12.29
N ILE A 78 0.62 -14.71 -11.47
CA ILE A 78 1.31 -14.06 -10.37
C ILE A 78 1.60 -15.17 -9.36
N GLY A 79 0.59 -16.01 -9.13
CA GLY A 79 0.72 -17.14 -8.21
C GLY A 79 1.15 -16.85 -6.80
N ALA A 80 0.81 -15.67 -6.28
CA ALA A 80 1.18 -15.30 -4.92
C ALA A 80 -0.01 -15.33 -3.97
N GLY A 81 0.13 -16.08 -2.88
CA GLY A 81 -0.95 -16.18 -1.92
C GLY A 81 -1.56 -14.85 -1.50
N HIS A 82 -2.88 -14.84 -1.38
CA HIS A 82 -3.67 -13.67 -0.98
C HIS A 82 -3.72 -12.49 -1.95
N THR A 83 -3.31 -12.73 -3.19
CA THR A 83 -3.35 -11.71 -4.22
C THR A 83 -4.76 -11.70 -4.82
N PHE A 84 -5.30 -10.52 -5.10
CA PHE A 84 -6.60 -10.45 -5.73
C PHE A 84 -6.43 -9.66 -7.02
N VAL A 85 -7.21 -10.03 -8.03
CA VAL A 85 -7.15 -9.39 -9.34
C VAL A 85 -8.56 -9.06 -9.79
N ILE A 86 -8.73 -7.82 -10.26
CA ILE A 86 -10.02 -7.35 -10.75
C ILE A 86 -9.87 -6.78 -12.16
N TYR A 87 -10.77 -7.19 -13.05
CA TYR A 87 -10.80 -6.69 -14.41
C TYR A 87 -12.15 -6.01 -14.56
N ILE A 88 -12.15 -4.81 -15.13
CA ILE A 88 -13.41 -4.09 -15.32
C ILE A 88 -13.51 -3.51 -16.72
N LYS A 89 -14.74 -3.32 -17.17
CA LYS A 89 -15.01 -2.74 -18.45
C LYS A 89 -16.30 -1.95 -18.36
N ASN A 90 -16.49 -1.00 -19.26
CA ASN A 90 -17.66 -0.13 -19.23
C ASN A 90 -17.66 0.64 -17.90
N GLY A 91 -16.46 1.03 -17.49
CA GLY A 91 -16.26 1.77 -16.26
C GLY A 91 -14.76 1.96 -16.10
N PHE A 92 -14.35 2.77 -15.13
CA PHE A 92 -12.92 3.02 -14.93
C PHE A 92 -12.49 2.86 -13.48
N PRO A 93 -11.19 2.62 -13.25
CA PRO A 93 -10.66 2.45 -11.90
C PRO A 93 -11.07 3.54 -10.90
N ILE A 94 -11.06 4.80 -11.33
CA ILE A 94 -11.44 5.87 -10.40
C ILE A 94 -12.88 5.73 -9.94
N ASN A 95 -13.66 4.96 -10.69
CA ASN A 95 -15.06 4.74 -10.30
C ASN A 95 -15.16 3.86 -9.05
N VAL A 96 -14.23 2.93 -8.91
CA VAL A 96 -14.29 1.99 -7.79
C VAL A 96 -13.07 1.83 -6.91
N LEU A 97 -11.98 2.52 -7.22
CA LEU A 97 -10.78 2.36 -6.43
C LEU A 97 -10.99 2.63 -4.94
N ASN A 98 -11.69 3.72 -4.61
CA ASN A 98 -11.93 4.02 -3.20
C ASN A 98 -12.80 2.95 -2.50
N ARG A 99 -13.76 2.38 -3.23
CA ARG A 99 -14.60 1.33 -2.63
C ARG A 99 -13.73 0.14 -2.28
N ILE A 100 -12.82 -0.21 -3.17
CA ILE A 100 -11.92 -1.33 -2.97
C ILE A 100 -10.99 -1.12 -1.78
N LYS A 101 -10.44 0.10 -1.66
CA LYS A 101 -9.55 0.41 -0.54
C LYS A 101 -10.28 0.22 0.78
N ASN A 102 -11.58 0.50 0.77
CA ASN A 102 -12.41 0.41 1.98
C ASN A 102 -12.94 -0.98 2.32
N VAL A 103 -12.68 -1.97 1.48
CA VAL A 103 -13.12 -3.33 1.77
C VAL A 103 -12.29 -3.79 2.96
N GLU A 104 -12.96 -4.18 4.04
CA GLU A 104 -12.28 -4.58 5.27
C GLU A 104 -11.23 -5.68 5.18
N GLU A 105 -11.27 -6.50 4.13
CA GLU A 105 -10.28 -7.55 3.95
C GLU A 105 -9.04 -7.05 3.20
N VAL A 106 -9.23 -6.06 2.34
CA VAL A 106 -8.14 -5.52 1.53
C VAL A 106 -7.00 -4.93 2.36
N VAL A 107 -5.79 -5.40 2.10
CA VAL A 107 -4.60 -4.93 2.80
C VAL A 107 -3.96 -3.75 2.06
N ARG A 108 -3.89 -3.88 0.75
CA ARG A 108 -3.32 -2.84 -0.09
C ARG A 108 -3.55 -3.15 -1.56
N ILE A 109 -3.27 -2.17 -2.41
CA ILE A 109 -3.46 -2.32 -3.85
C ILE A 109 -2.11 -2.08 -4.53
N PHE A 110 -1.74 -2.95 -5.47
CA PHE A 110 -0.46 -2.84 -6.18
C PHE A 110 -0.55 -2.01 -7.46
N ALA A 111 -1.68 -2.06 -8.15
CA ALA A 111 -1.81 -1.30 -9.38
C ALA A 111 -3.25 -1.19 -9.87
N ALA A 112 -3.51 -0.13 -10.63
CA ALA A 112 -4.82 0.14 -11.24
C ALA A 112 -4.39 0.81 -12.54
N THR A 113 -4.54 0.11 -13.66
CA THR A 113 -4.09 0.68 -14.92
C THR A 113 -4.59 -0.05 -16.16
N ALA A 114 -4.36 0.57 -17.32
CA ALA A 114 -4.72 0.01 -18.62
C ALA A 114 -3.43 -0.04 -19.45
N ASN A 115 -2.36 0.51 -18.89
CA ASN A 115 -1.05 0.55 -19.55
C ASN A 115 -0.42 -0.83 -19.45
N PRO A 116 0.52 -1.05 -20.38
CA PRO A 116 1.23 -2.31 -20.35
C PRO A 116 1.73 -2.53 -18.91
N LEU A 117 1.48 -3.70 -18.33
CA LEU A 117 1.83 -3.91 -16.94
C LEU A 117 2.59 -5.20 -16.64
N GLN A 118 3.60 -5.07 -15.79
CA GLN A 118 4.39 -6.21 -15.35
C GLN A 118 4.30 -6.29 -13.82
N VAL A 119 4.12 -7.49 -13.30
CA VAL A 119 4.07 -7.68 -11.85
C VAL A 119 5.35 -8.39 -11.45
N LEU A 120 6.07 -7.82 -10.50
CA LEU A 120 7.32 -8.38 -10.01
C LEU A 120 7.03 -9.31 -8.85
N VAL A 121 7.38 -10.58 -9.01
CA VAL A 121 7.12 -11.58 -8.00
C VAL A 121 8.37 -12.26 -7.44
N ALA A 122 8.53 -12.18 -6.13
CA ALA A 122 9.68 -12.81 -5.47
C ALA A 122 9.24 -14.22 -5.09
N GLU A 123 10.15 -15.17 -5.22
CA GLU A 123 9.83 -16.55 -4.88
C GLU A 123 10.80 -17.05 -3.82
N THR A 124 10.27 -17.76 -2.82
CA THR A 124 11.10 -18.29 -1.74
C THR A 124 10.80 -19.77 -1.54
N ASP A 125 11.36 -20.35 -0.50
CA ASP A 125 11.13 -21.74 -0.17
C ASP A 125 9.62 -21.95 0.10
N GLN A 126 8.99 -20.97 0.74
CA GLN A 126 7.58 -21.06 1.08
C GLN A 126 6.63 -20.83 -0.10
N GLY A 127 6.90 -19.80 -0.89
CA GLY A 127 6.04 -19.50 -2.02
C GLY A 127 6.39 -18.24 -2.79
N ARG A 128 5.35 -17.52 -3.22
CA ARG A 128 5.55 -16.30 -3.98
C ARG A 128 4.92 -15.06 -3.33
N GLY A 129 5.58 -13.92 -3.52
CA GLY A 129 5.08 -12.67 -2.98
C GLY A 129 5.29 -11.54 -3.97
N VAL A 130 4.35 -10.60 -4.04
CA VAL A 130 4.45 -9.48 -4.96
C VAL A 130 5.31 -8.38 -4.36
N ILE A 131 6.36 -7.97 -5.07
CA ILE A 131 7.23 -6.93 -4.54
C ILE A 131 7.06 -5.59 -5.24
N GLY A 132 6.24 -5.58 -6.30
CA GLY A 132 6.00 -4.36 -7.03
C GLY A 132 5.49 -4.60 -8.43
N VAL A 133 5.37 -3.52 -9.21
CA VAL A 133 4.91 -3.62 -10.59
C VAL A 133 5.62 -2.58 -11.45
N VAL A 134 5.62 -2.82 -12.76
CA VAL A 134 6.19 -1.88 -13.70
C VAL A 134 4.96 -1.43 -14.47
N ASP A 135 4.46 -0.25 -14.10
CA ASP A 135 3.26 0.31 -14.70
C ASP A 135 3.64 1.33 -15.77
N GLY A 136 3.52 0.93 -17.03
CA GLY A 136 3.84 1.84 -18.11
C GLY A 136 5.32 2.05 -18.27
N TYR A 137 5.68 3.21 -18.83
CA TYR A 137 7.08 3.50 -19.11
C TYR A 137 7.70 4.60 -18.26
N THR A 138 9.01 4.77 -18.41
CA THR A 138 9.76 5.76 -17.66
C THR A 138 9.53 7.16 -18.23
N PRO A 139 9.66 8.19 -17.38
CA PRO A 139 9.46 9.60 -17.79
C PRO A 139 10.47 10.12 -18.81
N LEU A 140 9.98 10.82 -19.82
CA LEU A 140 10.83 11.37 -20.87
C LEU A 140 11.10 12.87 -20.76
N GLY A 141 10.58 13.50 -19.71
CA GLY A 141 10.78 14.93 -19.54
C GLY A 141 9.81 15.57 -18.58
N ILE A 142 9.82 16.90 -18.53
CA ILE A 142 8.95 17.67 -17.65
C ILE A 142 8.00 18.51 -18.50
N GLU A 143 6.70 18.43 -18.19
CA GLU A 143 5.70 19.18 -18.96
C GLU A 143 5.89 20.68 -18.82
N THR A 144 5.54 21.40 -19.88
CA THR A 144 5.65 22.85 -19.93
C THR A 144 4.30 23.50 -19.64
N GLU A 145 4.27 24.83 -19.58
CA GLU A 145 3.03 25.55 -19.34
C GLU A 145 2.05 25.20 -20.44
N ALA A 146 2.55 25.08 -21.66
CA ALA A 146 1.72 24.72 -22.80
C ALA A 146 1.09 23.36 -22.57
N ASP A 147 1.89 22.40 -22.10
CA ASP A 147 1.39 21.05 -21.81
C ASP A 147 0.30 21.11 -20.74
N ILE A 148 0.55 21.90 -19.70
CA ILE A 148 -0.38 22.07 -18.60
C ILE A 148 -1.74 22.55 -19.11
N LYS A 149 -1.73 23.53 -20.00
CA LYS A 149 -2.95 24.08 -20.55
C LYS A 149 -3.74 23.00 -21.30
N GLU A 150 -3.02 22.11 -21.97
CA GLU A 150 -3.67 21.05 -22.72
C GLU A 150 -4.29 19.95 -21.86
N ARG A 151 -3.60 19.52 -20.80
CA ARG A 151 -4.16 18.48 -19.94
C ARG A 151 -5.38 19.01 -19.18
N LYS A 152 -5.39 20.30 -18.92
CA LYS A 152 -6.53 20.92 -18.24
C LYS A 152 -7.74 20.85 -19.18
N GLU A 153 -7.51 21.24 -20.43
CA GLU A 153 -8.59 21.21 -21.42
C GLU A 153 -9.08 19.78 -21.62
N LEU A 154 -8.15 18.84 -21.55
CA LEU A 154 -8.46 17.42 -21.72
C LEU A 154 -9.51 16.94 -20.71
N LEU A 155 -9.28 17.22 -19.42
CA LEU A 155 -10.21 16.79 -18.37
C LEU A 155 -11.57 17.48 -18.50
N ARG A 156 -11.57 18.73 -18.95
CA ARG A 156 -12.81 19.45 -19.13
C ARG A 156 -13.58 18.96 -20.35
N LYS A 157 -12.86 18.56 -21.38
CA LYS A 157 -13.50 18.04 -22.59
C LYS A 157 -14.18 16.71 -22.29
N PHE A 158 -13.60 15.94 -21.38
CA PHE A 158 -14.20 14.65 -21.02
C PHE A 158 -15.17 14.77 -19.86
N GLY A 159 -15.40 16.00 -19.41
CA GLY A 159 -16.34 16.24 -18.32
C GLY A 159 -15.96 15.90 -16.90
N TYR A 160 -14.68 15.64 -16.63
CA TYR A 160 -14.26 15.32 -15.27
C TYR A 160 -14.13 16.57 -14.42
N LYS A 161 -13.77 17.67 -15.06
CA LYS A 161 -13.60 18.96 -14.38
C LYS A 161 -14.28 20.05 -15.20
N ARG A 162 -14.55 21.18 -14.56
CA ARG A 162 -15.17 22.32 -15.23
C ARG A 162 -14.10 23.41 -15.37
N VAL B 3 21.76 -5.55 -4.20
CA VAL B 3 21.03 -5.52 -2.90
C VAL B 3 20.70 -6.91 -2.39
N LYS B 4 20.92 -7.12 -1.10
CA LYS B 4 20.64 -8.40 -0.47
C LYS B 4 19.21 -8.45 0.04
N ILE B 5 18.53 -9.57 -0.16
CA ILE B 5 17.16 -9.71 0.28
C ILE B 5 17.06 -10.81 1.34
N ASP B 6 16.59 -10.45 2.53
CA ASP B 6 16.45 -11.38 3.63
C ASP B 6 15.00 -11.88 3.71
N VAL B 7 14.84 -13.17 4.01
CA VAL B 7 13.52 -13.77 4.16
C VAL B 7 13.29 -13.94 5.66
N ILE B 8 12.46 -13.07 6.22
CA ILE B 8 12.17 -13.10 7.65
C ILE B 8 10.88 -13.83 8.01
N ARG B 9 11.02 -14.93 8.76
CA ARG B 9 9.88 -15.72 9.20
C ARG B 9 9.22 -15.04 10.38
N VAL B 10 7.91 -14.80 10.28
CA VAL B 10 7.14 -14.17 11.34
C VAL B 10 6.38 -15.21 12.16
N GLU B 11 6.60 -15.21 13.47
CA GLU B 11 5.93 -16.15 14.35
C GLU B 11 4.50 -15.70 14.61
N ILE B 12 3.55 -16.62 14.45
CA ILE B 12 2.15 -16.31 14.67
C ILE B 12 1.52 -17.37 15.57
N PRO B 13 1.41 -17.06 16.86
CA PRO B 13 0.82 -18.02 17.81
C PRO B 13 -0.61 -18.36 17.43
N GLU B 14 -1.05 -19.55 17.82
CA GLU B 14 -2.41 -20.00 17.51
C GLU B 14 -3.43 -19.04 18.13
N GLY B 15 -4.48 -18.75 17.38
CA GLY B 15 -5.51 -17.86 17.87
C GLY B 15 -5.19 -16.38 17.72
N THR B 16 -4.07 -16.08 17.08
CA THR B 16 -3.69 -14.68 16.86
C THR B 16 -3.54 -14.38 15.39
N ASN B 17 -3.49 -13.10 15.09
CA ASN B 17 -3.32 -12.61 13.73
C ASN B 17 -2.27 -11.51 13.82
N VAL B 18 -1.43 -11.38 12.80
CA VAL B 18 -0.42 -10.34 12.79
C VAL B 18 -0.72 -9.36 11.66
N ILE B 19 -0.47 -8.08 11.93
CA ILE B 19 -0.68 -7.03 10.96
C ILE B 19 0.60 -6.22 10.94
N ILE B 20 1.21 -6.15 9.76
CA ILE B 20 2.48 -5.43 9.61
C ILE B 20 2.35 -4.33 8.57
N GLY B 21 2.88 -3.15 8.90
CA GLY B 21 2.79 -2.05 7.97
C GLY B 21 3.92 -1.06 8.11
N GLN B 22 3.73 0.12 7.51
CA GLN B 22 4.72 1.19 7.56
C GLN B 22 4.02 2.45 7.99
N SER B 23 4.67 3.21 8.88
CA SER B 23 4.09 4.45 9.39
C SER B 23 5.21 5.48 9.52
N HIS B 24 4.93 6.55 10.24
CA HIS B 24 5.91 7.61 10.46
C HIS B 24 5.47 8.44 11.66
N PHE B 25 6.44 9.03 12.36
CA PHE B 25 6.19 9.87 13.54
C PHE B 25 5.83 9.00 14.74
N ILE B 26 6.44 9.28 15.90
CA ILE B 26 6.23 8.55 17.15
C ILE B 26 4.74 8.44 17.56
N LYS B 27 3.93 9.43 17.15
CA LYS B 27 2.53 9.44 17.54
C LYS B 27 1.84 8.17 17.02
N THR B 28 2.54 7.44 16.16
CA THR B 28 2.04 6.19 15.60
C THR B 28 1.59 5.23 16.71
N VAL B 29 2.41 5.08 17.75
CA VAL B 29 2.08 4.17 18.84
C VAL B 29 0.81 4.53 19.59
N GLU B 30 0.71 5.79 20.02
CA GLU B 30 -0.47 6.26 20.74
C GLU B 30 -1.73 6.08 19.89
N ASP B 31 -1.66 6.49 18.62
CA ASP B 31 -2.81 6.40 17.72
C ASP B 31 -3.26 4.95 17.46
N LEU B 32 -2.30 4.05 17.25
CA LEU B 32 -2.66 2.66 17.01
C LEU B 32 -3.30 2.07 18.27
N TYR B 33 -2.72 2.38 19.43
CA TYR B 33 -3.25 1.88 20.69
C TYR B 33 -4.69 2.32 20.89
N GLU B 34 -4.93 3.61 20.66
CA GLU B 34 -6.26 4.18 20.83
C GLU B 34 -7.33 3.58 19.93
N THR B 35 -7.06 3.51 18.63
CA THR B 35 -8.05 2.97 17.70
C THR B 35 -8.33 1.49 17.97
N LEU B 36 -7.34 0.75 18.45
CA LEU B 36 -7.56 -0.65 18.76
C LEU B 36 -8.35 -0.77 20.07
N ALA B 37 -8.03 0.08 21.04
CA ALA B 37 -8.72 0.08 22.33
C ALA B 37 -10.20 0.43 22.19
N SER B 38 -10.52 1.36 21.30
CA SER B 38 -11.91 1.78 21.12
C SER B 38 -12.63 1.00 20.03
N SER B 39 -12.02 -0.07 19.54
CA SER B 39 -12.64 -0.88 18.49
C SER B 39 -13.52 -1.97 19.11
N SER B 40 -13.14 -2.42 20.30
CA SER B 40 -13.87 -3.45 21.01
C SER B 40 -13.35 -3.54 22.44
N PRO B 41 -14.22 -3.82 23.41
CA PRO B 41 -13.78 -3.90 24.80
C PRO B 41 -13.05 -5.21 25.14
N HIS B 42 -13.15 -6.20 24.26
CA HIS B 42 -12.50 -7.48 24.52
C HIS B 42 -11.28 -7.77 23.66
N LEU B 43 -11.05 -6.97 22.63
CA LEU B 43 -9.90 -7.20 21.78
C LEU B 43 -8.60 -7.11 22.59
N LYS B 44 -7.71 -8.08 22.40
CA LYS B 44 -6.42 -8.07 23.08
C LYS B 44 -5.39 -7.74 22.01
N PHE B 45 -4.41 -6.91 22.34
CA PHE B 45 -3.43 -6.54 21.32
C PHE B 45 -2.08 -6.04 21.84
N GLY B 46 -1.09 -6.15 20.97
CA GLY B 46 0.25 -5.69 21.26
C GLY B 46 0.73 -4.91 20.05
N ILE B 47 1.44 -3.80 20.28
CA ILE B 47 1.91 -2.95 19.19
C ILE B 47 3.39 -2.60 19.31
N ALA B 48 4.10 -2.63 18.18
CA ALA B 48 5.51 -2.30 18.13
C ALA B 48 5.75 -1.40 16.92
N PHE B 49 6.55 -0.35 17.11
CA PHE B 49 6.87 0.59 16.04
C PHE B 49 8.36 0.88 16.02
N CYS B 50 8.96 0.78 14.83
CA CYS B 50 10.40 1.02 14.69
C CYS B 50 10.73 2.48 14.47
N GLU B 51 11.08 3.18 15.56
CA GLU B 51 11.49 4.57 15.45
C GLU B 51 12.74 4.49 14.58
N ALA B 52 12.77 5.27 13.50
CA ALA B 52 13.87 5.23 12.55
C ALA B 52 14.95 6.29 12.70
N SER B 53 14.88 7.09 13.76
CA SER B 53 15.87 8.13 13.98
C SER B 53 16.09 8.31 15.48
N GLY B 54 16.89 9.30 15.84
CA GLY B 54 17.16 9.55 17.24
C GLY B 54 17.69 8.30 17.91
N LYS B 55 17.04 7.88 18.99
CA LYS B 55 17.44 6.69 19.72
C LYS B 55 17.13 5.38 19.00
N ARG B 56 16.38 5.46 17.89
CA ARG B 56 16.06 4.27 17.10
C ARG B 56 15.50 3.12 17.94
N LEU B 57 14.57 3.43 18.82
CA LEU B 57 13.98 2.43 19.71
C LEU B 57 12.69 1.84 19.20
N ILE B 58 12.42 0.61 19.61
CA ILE B 58 11.17 -0.06 19.27
C ILE B 58 10.19 0.55 20.26
N ARG B 59 9.21 1.29 19.74
CA ARG B 59 8.20 1.91 20.59
C ARG B 59 7.03 0.95 20.69
N TRP B 60 6.48 0.80 21.89
CA TRP B 60 5.40 -0.16 22.07
C TRP B 60 4.32 0.21 23.08
N ASP B 61 3.23 -0.54 23.01
CA ASP B 61 2.09 -0.36 23.89
C ASP B 61 1.12 -1.50 23.57
N GLY B 62 0.05 -1.61 24.34
CA GLY B 62 -0.92 -2.65 24.13
C GLY B 62 -1.59 -3.01 25.43
N ASN B 63 -2.42 -4.05 25.43
CA ASN B 63 -3.10 -4.47 26.65
C ASN B 63 -2.89 -5.96 26.94
N ASP B 64 -1.85 -6.53 26.34
CA ASP B 64 -1.51 -7.95 26.53
C ASP B 64 0.02 -8.11 26.44
N GLU B 65 0.65 -8.31 27.59
CA GLU B 65 2.10 -8.46 27.65
C GLU B 65 2.66 -9.48 26.66
N GLU B 66 1.99 -10.61 26.51
CA GLU B 66 2.47 -11.63 25.57
C GLU B 66 2.48 -11.11 24.14
N LEU B 67 1.38 -10.49 23.72
CA LEU B 67 1.29 -9.95 22.37
C LEU B 67 2.27 -8.81 22.17
N ILE B 68 2.51 -8.03 23.23
CA ILE B 68 3.44 -6.93 23.15
C ILE B 68 4.84 -7.43 22.88
N LYS B 69 5.25 -8.47 23.60
CA LYS B 69 6.58 -9.04 23.43
C LYS B 69 6.75 -9.61 22.02
N LEU B 70 5.73 -10.28 21.52
CA LEU B 70 5.76 -10.85 20.19
C LEU B 70 5.95 -9.75 19.17
N ALA B 71 5.23 -8.64 19.38
CA ALA B 71 5.32 -7.50 18.49
C ALA B 71 6.73 -6.94 18.47
N GLN B 72 7.32 -6.79 19.65
CA GLN B 72 8.69 -6.25 19.75
C GLN B 72 9.68 -7.18 19.04
N GLN B 73 9.56 -8.47 19.29
CA GLN B 73 10.47 -9.45 18.68
C GLN B 73 10.37 -9.43 17.15
N THR B 74 9.15 -9.48 16.63
CA THR B 74 8.95 -9.47 15.19
C THR B 74 9.49 -8.18 14.55
N ALA B 75 9.23 -7.04 15.21
CA ALA B 75 9.70 -5.75 14.71
C ALA B 75 11.23 -5.76 14.62
N LEU B 76 11.87 -6.33 15.64
CA LEU B 76 13.32 -6.40 15.65
C LEU B 76 13.84 -7.31 14.52
N LYS B 77 13.18 -8.45 14.34
CA LYS B 77 13.58 -9.40 13.29
C LYS B 77 13.52 -8.76 11.91
N ILE B 78 12.44 -8.05 11.63
CA ILE B 78 12.30 -7.39 10.34
C ILE B 78 13.36 -6.30 10.28
N GLY B 79 13.47 -5.52 11.36
CA GLY B 79 14.46 -4.47 11.45
C GLY B 79 14.45 -3.33 10.45
N ALA B 80 13.30 -3.05 9.84
CA ALA B 80 13.20 -1.96 8.89
C ALA B 80 12.64 -0.71 9.55
N GLY B 81 13.35 0.40 9.42
CA GLY B 81 12.88 1.64 10.01
C GLY B 81 11.45 1.98 9.64
N HIS B 82 10.70 2.48 10.61
CA HIS B 82 9.31 2.90 10.44
C HIS B 82 8.28 1.80 10.20
N THR B 83 8.69 0.56 10.43
CA THR B 83 7.80 -0.58 10.29
C THR B 83 7.02 -0.73 11.60
N PHE B 84 5.73 -1.06 11.52
CA PHE B 84 4.96 -1.29 12.73
C PHE B 84 4.41 -2.71 12.66
N VAL B 85 4.30 -3.35 13.82
CA VAL B 85 3.81 -4.71 13.91
C VAL B 85 2.72 -4.78 14.97
N ILE B 86 1.63 -5.46 14.65
CA ILE B 86 0.50 -5.60 15.56
C ILE B 86 0.04 -7.04 15.66
N TYR B 87 -0.18 -7.52 16.88
CA TYR B 87 -0.70 -8.86 17.10
C TYR B 87 -2.03 -8.67 17.82
N ILE B 88 -3.05 -9.39 17.38
CA ILE B 88 -4.35 -9.30 18.02
C ILE B 88 -4.84 -10.69 18.40
N LYS B 89 -5.65 -10.74 19.45
CA LYS B 89 -6.22 -11.99 19.95
C LYS B 89 -7.65 -11.66 20.39
N ASN B 90 -8.52 -12.65 20.30
CA ASN B 90 -9.92 -12.47 20.67
C ASN B 90 -10.58 -11.45 19.76
N GLY B 91 -10.18 -11.50 18.49
CA GLY B 91 -10.69 -10.60 17.48
C GLY B 91 -10.04 -10.96 16.15
N PHE B 92 -10.53 -10.37 15.06
CA PHE B 92 -9.99 -10.66 13.73
C PHE B 92 -9.58 -9.38 12.99
N PRO B 93 -8.65 -9.50 12.03
CA PRO B 93 -8.16 -8.36 11.26
C PRO B 93 -9.26 -7.53 10.59
N ILE B 94 -10.32 -8.18 10.10
CA ILE B 94 -11.39 -7.43 9.45
C ILE B 94 -12.09 -6.52 10.47
N ASN B 95 -11.94 -6.83 11.75
CA ASN B 95 -12.53 -6.00 12.81
C ASN B 95 -11.85 -4.63 12.88
N VAL B 96 -10.55 -4.61 12.60
CA VAL B 96 -9.77 -3.39 12.74
C VAL B 96 -8.91 -2.91 11.57
N LEU B 97 -8.93 -3.63 10.45
CA LEU B 97 -8.08 -3.24 9.33
C LEU B 97 -8.38 -1.83 8.80
N ASN B 98 -9.66 -1.48 8.68
CA ASN B 98 -10.01 -0.15 8.18
C ASN B 98 -9.56 0.95 9.15
N ARG B 99 -9.69 0.69 10.45
CA ARG B 99 -9.25 1.65 11.45
C ARG B 99 -7.76 1.94 11.28
N ILE B 100 -6.97 0.88 11.12
CA ILE B 100 -5.52 1.00 10.94
C ILE B 100 -5.19 1.79 9.68
N LYS B 101 -5.86 1.49 8.58
CA LYS B 101 -5.61 2.21 7.33
C LYS B 101 -5.90 3.69 7.50
N ASN B 102 -6.88 4.01 8.34
CA ASN B 102 -7.28 5.39 8.57
C ASN B 102 -6.45 6.19 9.59
N VAL B 103 -5.47 5.54 10.23
CA VAL B 103 -4.62 6.25 11.18
C VAL B 103 -3.75 7.21 10.34
N GLU B 104 -3.77 8.49 10.67
CA GLU B 104 -3.03 9.50 9.91
C GLU B 104 -1.54 9.29 9.75
N GLU B 105 -0.92 8.53 10.64
CA GLU B 105 0.51 8.25 10.54
C GLU B 105 0.79 7.09 9.58
N VAL B 106 -0.14 6.15 9.51
CA VAL B 106 0.03 4.95 8.67
C VAL B 106 0.13 5.24 7.18
N VAL B 107 1.23 4.77 6.60
CA VAL B 107 1.52 4.96 5.17
C VAL B 107 0.88 3.83 4.34
N ARG B 108 1.12 2.60 4.78
CA ARG B 108 0.56 1.42 4.11
C ARG B 108 0.65 0.20 4.99
N ILE B 109 -0.05 -0.86 4.58
CA ILE B 109 -0.04 -2.10 5.32
C ILE B 109 0.53 -3.18 4.41
N PHE B 110 1.46 -3.97 4.94
CA PHE B 110 2.12 -5.04 4.19
C PHE B 110 1.37 -6.35 4.25
N ALA B 111 0.75 -6.64 5.38
CA ALA B 111 0.02 -7.89 5.53
C ALA B 111 -0.88 -7.92 6.76
N ALA B 112 -1.89 -8.77 6.69
CA ALA B 112 -2.86 -8.98 7.75
C ALA B 112 -3.22 -10.45 7.56
N THR B 113 -2.69 -11.32 8.41
CA THR B 113 -2.94 -12.75 8.21
C THR B 113 -2.60 -13.62 9.42
N ALA B 114 -2.96 -14.90 9.31
CA ALA B 114 -2.67 -15.89 10.33
C ALA B 114 -1.95 -17.06 9.66
N ASN B 115 -1.76 -16.95 8.35
CA ASN B 115 -1.07 -17.98 7.56
C ASN B 115 0.43 -17.84 7.75
N PRO B 116 1.20 -18.89 7.38
CA PRO B 116 2.66 -18.80 7.52
C PRO B 116 3.06 -17.53 6.76
N LEU B 117 3.86 -16.68 7.41
CA LEU B 117 4.24 -15.42 6.80
C LEU B 117 5.73 -15.12 6.78
N GLN B 118 6.20 -14.64 5.63
CA GLN B 118 7.60 -14.26 5.46
C GLN B 118 7.60 -12.81 5.01
N VAL B 119 8.48 -12.01 5.62
CA VAL B 119 8.61 -10.62 5.22
C VAL B 119 9.92 -10.55 4.46
N LEU B 120 9.87 -9.97 3.26
CA LEU B 120 11.05 -9.83 2.42
C LEU B 120 11.69 -8.48 2.72
N VAL B 121 12.94 -8.49 3.15
CA VAL B 121 13.64 -7.27 3.52
C VAL B 121 14.88 -6.96 2.71
N ALA B 122 14.90 -5.79 2.07
CA ALA B 122 16.04 -5.37 1.28
C ALA B 122 17.06 -4.67 2.17
N GLU B 123 18.34 -4.96 1.95
CA GLU B 123 19.47 -4.41 2.69
C GLU B 123 20.21 -3.36 1.86
N THR B 124 20.48 -2.19 2.41
CA THR B 124 21.24 -1.16 1.70
C THR B 124 22.27 -0.61 2.69
N ASP B 125 23.13 0.31 2.25
CA ASP B 125 24.12 0.83 3.18
C ASP B 125 23.53 1.77 4.22
N GLN B 126 22.23 2.07 4.10
CA GLN B 126 21.56 2.93 5.06
C GLN B 126 20.83 2.13 6.13
N GLY B 127 20.23 1.01 5.70
CA GLY B 127 19.50 0.18 6.64
C GLY B 127 18.69 -0.91 5.95
N ARG B 128 17.47 -1.13 6.42
CA ARG B 128 16.60 -2.16 5.86
C ARG B 128 15.24 -1.62 5.45
N GLY B 129 14.66 -2.24 4.42
CA GLY B 129 13.35 -1.84 3.93
C GLY B 129 12.55 -3.06 3.47
N VAL B 130 11.25 -3.03 3.73
CA VAL B 130 10.36 -4.13 3.34
C VAL B 130 9.96 -4.01 1.86
N ILE B 131 10.18 -5.05 1.08
CA ILE B 131 9.83 -5.01 -0.33
C ILE B 131 8.60 -5.87 -0.65
N GLY B 132 8.13 -6.61 0.35
CA GLY B 132 6.96 -7.44 0.15
C GLY B 132 6.87 -8.56 1.18
N VAL B 133 5.90 -9.45 0.98
CA VAL B 133 5.72 -10.57 1.89
C VAL B 133 5.26 -11.78 1.10
N VAL B 134 5.39 -12.96 1.73
CA VAL B 134 4.93 -14.20 1.15
C VAL B 134 3.89 -14.64 2.17
N ASP B 135 2.63 -14.47 1.82
CA ASP B 135 1.52 -14.79 2.71
C ASP B 135 0.88 -16.10 2.28
N GLY B 136 1.20 -17.17 3.00
CA GLY B 136 0.64 -18.46 2.66
C GLY B 136 1.31 -19.08 1.44
N TYR B 137 0.61 -20.02 0.81
CA TYR B 137 1.15 -20.73 -0.32
C TYR B 137 0.61 -20.31 -1.67
N THR B 138 1.21 -20.85 -2.73
CA THR B 138 0.81 -20.56 -4.10
C THR B 138 -0.47 -21.32 -4.43
N PRO B 139 -1.27 -20.82 -5.38
CA PRO B 139 -2.54 -21.47 -5.77
C PRO B 139 -2.38 -22.82 -6.46
N LEU B 140 -3.30 -23.74 -6.15
CA LEU B 140 -3.26 -25.08 -6.73
C LEU B 140 -4.27 -25.30 -7.87
N GLY B 141 -5.19 -24.37 -8.03
CA GLY B 141 -6.18 -24.50 -9.09
C GLY B 141 -7.32 -23.51 -8.96
N ILE B 142 -8.29 -23.61 -9.86
CA ILE B 142 -9.45 -22.72 -9.87
C ILE B 142 -10.66 -23.42 -9.24
N GLU B 143 -11.39 -22.72 -8.38
CA GLU B 143 -12.55 -23.30 -7.72
C GLU B 143 -13.68 -23.57 -8.71
N THR B 144 -14.49 -24.58 -8.42
CA THR B 144 -15.61 -24.96 -9.26
C THR B 144 -16.90 -24.34 -8.72
N GLU B 145 -18.00 -24.57 -9.45
CA GLU B 145 -19.31 -24.06 -9.04
C GLU B 145 -19.68 -24.66 -7.70
N ALA B 146 -19.33 -25.93 -7.50
CA ALA B 146 -19.61 -26.62 -6.25
C ALA B 146 -18.80 -25.98 -5.12
N ASP B 147 -17.55 -25.60 -5.41
CA ASP B 147 -16.70 -24.97 -4.41
C ASP B 147 -17.27 -23.60 -4.03
N ILE B 148 -17.85 -22.91 -5.01
CA ILE B 148 -18.43 -21.60 -4.76
C ILE B 148 -19.60 -21.73 -3.80
N LYS B 149 -20.45 -22.73 -4.01
CA LYS B 149 -21.59 -22.95 -3.12
C LYS B 149 -21.08 -23.17 -1.70
N GLU B 150 -20.02 -23.95 -1.57
CA GLU B 150 -19.46 -24.27 -0.25
C GLU B 150 -18.93 -23.05 0.49
N ARG B 151 -18.15 -22.19 -0.19
CA ARG B 151 -17.61 -21.02 0.47
C ARG B 151 -18.71 -20.00 0.80
N LYS B 152 -19.81 -20.03 0.04
CA LYS B 152 -20.93 -19.13 0.32
C LYS B 152 -21.60 -19.62 1.59
N GLU B 153 -21.78 -20.94 1.69
CA GLU B 153 -22.40 -21.54 2.86
C GLU B 153 -21.53 -21.33 4.10
N LEU B 154 -20.22 -21.39 3.91
CA LEU B 154 -19.29 -21.20 5.01
C LEU B 154 -19.49 -19.85 5.69
N LEU B 155 -19.65 -18.79 4.90
CA LEU B 155 -19.84 -17.45 5.44
C LEU B 155 -21.17 -17.28 6.17
N ARG B 156 -22.16 -18.06 5.76
CA ARG B 156 -23.46 -18.02 6.41
C ARG B 156 -23.35 -18.72 7.76
N LYS B 157 -22.59 -19.81 7.79
CA LYS B 157 -22.37 -20.57 9.02
C LYS B 157 -21.64 -19.71 10.04
N PHE B 158 -20.66 -18.94 9.59
CA PHE B 158 -19.90 -18.07 10.49
C PHE B 158 -20.80 -16.93 10.93
N GLY B 159 -21.78 -16.58 10.10
CA GLY B 159 -22.68 -15.49 10.44
C GLY B 159 -22.27 -14.14 9.87
N TYR B 160 -21.30 -14.14 8.96
CA TYR B 160 -20.86 -12.89 8.35
C TYR B 160 -21.83 -12.42 7.27
N LYS B 161 -22.48 -13.38 6.61
CA LYS B 161 -23.43 -13.08 5.55
C LYS B 161 -24.71 -13.89 5.75
N ARG B 162 -25.81 -13.43 5.15
CA ARG B 162 -27.08 -14.13 5.23
C ARG B 162 -27.37 -14.73 3.86
N VAL C 3 16.58 -9.35 -12.70
CA VAL C 3 16.24 -7.91 -12.85
C VAL C 3 17.19 -7.05 -12.02
N LYS C 4 17.49 -5.85 -12.51
CA LYS C 4 18.39 -4.95 -11.82
C LYS C 4 17.65 -4.14 -10.77
N ILE C 5 18.29 -3.92 -9.62
CA ILE C 5 17.70 -3.15 -8.54
C ILE C 5 18.57 -1.94 -8.22
N ASP C 6 17.99 -0.75 -8.32
CA ASP C 6 18.71 0.48 -8.03
C ASP C 6 18.27 1.08 -6.71
N VAL C 7 19.20 1.74 -6.04
CA VAL C 7 18.92 2.38 -4.76
C VAL C 7 18.99 3.88 -5.04
N ILE C 8 17.85 4.56 -4.95
CA ILE C 8 17.77 5.99 -5.22
C ILE C 8 17.70 6.84 -3.96
N ARG C 9 18.65 7.77 -3.83
CA ARG C 9 18.70 8.68 -2.69
C ARG C 9 17.75 9.84 -2.96
N VAL C 10 16.82 10.08 -2.04
CA VAL C 10 15.84 11.15 -2.19
C VAL C 10 16.26 12.36 -1.37
N GLU C 11 16.40 13.50 -2.04
CA GLU C 11 16.80 14.73 -1.36
C GLU C 11 15.65 15.28 -0.52
N ILE C 12 15.92 15.55 0.75
CA ILE C 12 14.90 16.07 1.65
C ILE C 12 15.46 17.27 2.43
N PRO C 13 15.35 18.47 1.85
CA PRO C 13 15.84 19.71 2.48
C PRO C 13 15.23 19.88 3.86
N GLU C 14 15.98 20.49 4.77
CA GLU C 14 15.51 20.73 6.12
C GLU C 14 14.20 21.51 6.09
N GLY C 15 13.26 21.14 6.95
CA GLY C 15 11.99 21.83 6.99
C GLY C 15 10.95 21.26 6.04
N THR C 16 11.33 20.26 5.26
CA THR C 16 10.38 19.66 4.33
C THR C 16 10.13 18.19 4.65
N ASN C 17 9.04 17.68 4.11
CA ASN C 17 8.67 16.28 4.27
C ASN C 17 8.33 15.83 2.86
N VAL C 18 8.60 14.57 2.56
CA VAL C 18 8.29 14.07 1.24
C VAL C 18 7.31 12.91 1.37
N ILE C 19 6.40 12.82 0.40
CA ILE C 19 5.40 11.77 0.37
C ILE C 19 5.49 11.21 -1.04
N ILE C 20 5.75 9.91 -1.14
CA ILE C 20 5.87 9.27 -2.44
C ILE C 20 4.90 8.10 -2.56
N GLY C 21 4.22 8.02 -3.69
CA GLY C 21 3.26 6.94 -3.89
C GLY C 21 3.08 6.53 -5.33
N GLN C 22 2.00 5.80 -5.58
CA GLN C 22 1.67 5.31 -6.91
C GLN C 22 0.22 5.68 -7.21
N SER C 23 -0.04 6.03 -8.46
CA SER C 23 -1.38 6.43 -8.87
C SER C 23 -1.60 6.03 -10.32
N HIS C 24 -2.60 6.63 -10.93
CA HIS C 24 -2.90 6.35 -12.33
C HIS C 24 -3.79 7.48 -12.83
N PHE C 25 -3.84 7.67 -14.14
CA PHE C 25 -4.65 8.72 -14.77
C PHE C 25 -4.08 10.12 -14.50
N ILE C 26 -3.97 10.91 -15.55
CA ILE C 26 -3.43 12.26 -15.44
C ILE C 26 -4.20 13.16 -14.49
N LYS C 27 -5.46 12.81 -14.19
CA LYS C 27 -6.26 13.62 -13.28
C LYS C 27 -5.62 13.61 -11.88
N THR C 28 -4.64 12.74 -11.69
CA THR C 28 -3.93 12.65 -10.41
C THR C 28 -3.44 14.03 -9.94
N VAL C 29 -2.78 14.75 -10.84
CA VAL C 29 -2.24 16.07 -10.52
C VAL C 29 -3.23 17.09 -9.99
N GLU C 30 -4.29 17.38 -10.73
CA GLU C 30 -5.29 18.35 -10.27
C GLU C 30 -5.95 17.90 -8.96
N ASP C 31 -6.19 16.61 -8.82
CA ASP C 31 -6.82 16.10 -7.62
C ASP C 31 -5.92 16.27 -6.40
N LEU C 32 -4.63 15.99 -6.58
CA LEU C 32 -3.68 16.16 -5.49
C LEU C 32 -3.54 17.65 -5.17
N TYR C 33 -3.45 18.47 -6.22
CA TYR C 33 -3.33 19.91 -6.00
C TYR C 33 -4.51 20.39 -5.16
N GLU C 34 -5.71 20.04 -5.61
CA GLU C 34 -6.94 20.43 -4.93
C GLU C 34 -7.08 20.01 -3.47
N THR C 35 -6.83 18.74 -3.19
CA THR C 35 -6.98 18.27 -1.82
C THR C 35 -5.94 18.89 -0.88
N LEU C 36 -4.76 19.21 -1.41
CA LEU C 36 -3.73 19.84 -0.60
C LEU C 36 -4.05 21.32 -0.38
N ALA C 37 -4.56 21.97 -1.42
CA ALA C 37 -4.89 23.38 -1.31
C ALA C 37 -6.04 23.63 -0.34
N SER C 38 -7.00 22.69 -0.28
CA SER C 38 -8.13 22.86 0.61
C SER C 38 -7.92 22.21 1.98
N SER C 39 -6.68 21.79 2.26
CA SER C 39 -6.39 21.16 3.54
C SER C 39 -6.01 22.23 4.56
N SER C 40 -5.40 23.31 4.08
CA SER C 40 -4.98 24.41 4.93
C SER C 40 -4.55 25.58 4.04
N PRO C 41 -4.84 26.81 4.47
CA PRO C 41 -4.45 27.97 3.66
C PRO C 41 -2.96 28.28 3.66
N HIS C 42 -2.23 27.76 4.65
CA HIS C 42 -0.81 28.03 4.73
C HIS C 42 0.14 26.92 4.31
N LEU C 43 -0.41 25.75 3.99
CA LEU C 43 0.44 24.64 3.57
C LEU C 43 1.13 24.95 2.25
N LYS C 44 2.43 24.68 2.19
CA LYS C 44 3.20 24.88 0.97
C LYS C 44 3.49 23.50 0.39
N PHE C 45 3.28 23.33 -0.91
CA PHE C 45 3.49 22.01 -1.51
C PHE C 45 3.85 22.01 -2.99
N GLY C 46 4.48 20.91 -3.40
CA GLY C 46 4.89 20.71 -4.77
C GLY C 46 4.50 19.30 -5.15
N ILE C 47 3.97 19.11 -6.35
CA ILE C 47 3.51 17.81 -6.80
C ILE C 47 4.06 17.42 -8.18
N ALA C 48 4.47 16.16 -8.31
CA ALA C 48 4.99 15.61 -9.57
C ALA C 48 4.39 14.22 -9.79
N PHE C 49 3.95 13.95 -11.02
CA PHE C 49 3.35 12.66 -11.36
C PHE C 49 3.94 12.15 -12.67
N CYS C 50 4.36 10.88 -12.69
CA CYS C 50 4.95 10.29 -13.87
C CYS C 50 3.96 9.67 -14.84
N GLU C 51 3.58 10.43 -15.86
CA GLU C 51 2.68 9.92 -16.88
C GLU C 51 3.39 8.69 -17.44
N ALA C 52 2.70 7.56 -17.45
CA ALA C 52 3.29 6.29 -17.89
C ALA C 52 3.16 5.93 -19.36
N SER C 53 2.38 6.70 -20.11
CA SER C 53 2.21 6.43 -21.54
C SER C 53 2.16 7.73 -22.31
N GLY C 54 1.93 7.64 -23.62
CA GLY C 54 1.88 8.84 -24.44
C GLY C 54 3.20 9.58 -24.39
N LYS C 55 3.15 10.87 -24.10
CA LYS C 55 4.36 11.68 -24.04
C LYS C 55 5.21 11.37 -22.81
N ARG C 56 4.68 10.56 -21.90
CA ARG C 56 5.42 10.15 -20.70
C ARG C 56 6.09 11.33 -20.00
N LEU C 57 5.33 12.40 -19.80
CA LEU C 57 5.88 13.61 -19.15
C LEU C 57 5.64 13.70 -17.65
N ILE C 58 6.60 14.30 -16.95
CA ILE C 58 6.47 14.51 -15.52
C ILE C 58 5.42 15.63 -15.41
N ARG C 59 4.24 15.29 -14.91
CA ARG C 59 3.16 16.28 -14.75
C ARG C 59 3.25 16.87 -13.34
N TRP C 60 3.11 18.19 -13.25
CA TRP C 60 3.25 18.86 -11.96
C TRP C 60 2.31 20.03 -11.70
N ASP C 61 2.29 20.46 -10.44
CA ASP C 61 1.51 21.59 -9.99
C ASP C 61 1.85 21.81 -8.51
N GLY C 62 1.28 22.84 -7.91
CA GLY C 62 1.54 23.14 -6.51
C GLY C 62 1.50 24.64 -6.30
N ASN C 63 1.83 25.10 -5.10
CA ASN C 63 1.82 26.52 -4.84
C ASN C 63 3.18 27.03 -4.37
N ASP C 64 4.21 26.21 -4.52
CA ASP C 64 5.57 26.57 -4.14
C ASP C 64 6.54 25.97 -5.17
N GLU C 65 7.12 26.82 -6.00
CA GLU C 65 8.04 26.40 -7.05
C GLU C 65 9.24 25.60 -6.55
N GLU C 66 9.81 25.99 -5.42
CA GLU C 66 10.96 25.26 -4.88
C GLU C 66 10.57 23.80 -4.60
N LEU C 67 9.40 23.62 -4.00
CA LEU C 67 8.93 22.28 -3.68
C LEU C 67 8.56 21.52 -4.95
N ILE C 68 8.04 22.25 -5.94
CA ILE C 68 7.67 21.65 -7.21
C ILE C 68 8.91 21.09 -7.93
N LYS C 69 9.98 21.87 -7.93
CA LYS C 69 11.20 21.44 -8.59
C LYS C 69 11.81 20.24 -7.87
N LEU C 70 11.72 20.22 -6.54
CA LEU C 70 12.22 19.08 -5.77
C LEU C 70 11.40 17.84 -6.13
N ALA C 71 10.10 18.02 -6.34
CA ALA C 71 9.22 16.90 -6.68
C ALA C 71 9.56 16.35 -8.05
N GLN C 72 9.81 17.26 -9.00
CA GLN C 72 10.15 16.88 -10.36
C GLN C 72 11.48 16.10 -10.38
N GLN C 73 12.45 16.58 -9.62
CA GLN C 73 13.76 15.95 -9.55
C GLN C 73 13.66 14.52 -9.01
N THR C 74 13.02 14.38 -7.85
CA THR C 74 12.87 13.07 -7.23
C THR C 74 12.09 12.11 -8.13
N ALA C 75 11.04 12.60 -8.79
CA ALA C 75 10.24 11.78 -9.68
C ALA C 75 11.12 11.25 -10.81
N LEU C 76 11.99 12.11 -11.34
CA LEU C 76 12.90 11.72 -12.41
C LEU C 76 13.91 10.68 -11.95
N LYS C 77 14.52 10.92 -10.78
CA LYS C 77 15.50 9.99 -10.26
C LYS C 77 14.89 8.60 -10.10
N ILE C 78 13.69 8.52 -9.54
CA ILE C 78 12.99 7.25 -9.38
C ILE C 78 12.69 6.71 -10.78
N GLY C 79 12.11 7.58 -11.62
CA GLY C 79 11.80 7.21 -12.99
C GLY C 79 10.89 6.03 -13.22
N ALA C 80 9.97 5.78 -12.29
CA ALA C 80 9.04 4.68 -12.44
C ALA C 80 7.67 5.22 -12.86
N GLY C 81 7.11 4.64 -13.93
CA GLY C 81 5.82 5.08 -14.42
C GLY C 81 4.73 5.07 -13.37
N HIS C 82 3.89 6.10 -13.39
CA HIS C 82 2.76 6.28 -12.47
C HIS C 82 3.11 6.59 -11.02
N THR C 83 4.37 6.89 -10.77
CA THR C 83 4.82 7.25 -9.43
C THR C 83 4.46 8.73 -9.23
N PHE C 84 4.14 9.12 -8.00
CA PHE C 84 3.87 10.53 -7.74
C PHE C 84 4.69 10.94 -6.52
N VAL C 85 5.14 12.19 -6.53
CA VAL C 85 5.96 12.71 -5.43
C VAL C 85 5.42 14.04 -4.95
N ILE C 86 5.41 14.21 -3.63
CA ILE C 86 4.92 15.45 -3.05
C ILE C 86 5.87 15.95 -1.96
N TYR C 87 6.20 17.23 -2.02
CA TYR C 87 7.05 17.84 -1.02
C TYR C 87 6.17 18.89 -0.36
N ILE C 88 6.23 18.98 0.96
CA ILE C 88 5.42 19.96 1.68
C ILE C 88 6.25 20.69 2.71
N LYS C 89 5.85 21.93 2.98
CA LYS C 89 6.53 22.76 3.98
C LYS C 89 5.45 23.55 4.74
N ASN C 90 5.76 23.90 5.98
CA ASN C 90 4.83 24.65 6.83
C ASN C 90 3.61 23.79 7.13
N GLY C 91 3.86 22.51 7.31
CA GLY C 91 2.80 21.55 7.59
C GLY C 91 3.47 20.19 7.70
N PHE C 92 2.74 19.17 8.14
CA PHE C 92 3.31 17.84 8.29
C PHE C 92 2.49 16.78 7.56
N PRO C 93 3.10 15.62 7.27
CA PRO C 93 2.38 14.55 6.57
C PRO C 93 1.06 14.13 7.22
N ILE C 94 1.01 14.11 8.55
CA ILE C 94 -0.24 13.71 9.20
C ILE C 94 -1.38 14.69 8.91
N ASN C 95 -1.04 15.89 8.46
CA ASN C 95 -2.06 16.88 8.14
C ASN C 95 -2.81 16.52 6.86
N VAL C 96 -2.13 15.82 5.95
CA VAL C 96 -2.74 15.49 4.66
C VAL C 96 -2.65 14.05 4.19
N LEU C 97 -2.03 13.17 4.95
CA LEU C 97 -1.85 11.77 4.54
C LEU C 97 -3.21 11.09 4.19
N ASN C 98 -4.23 11.28 5.02
CA ASN C 98 -5.51 10.62 4.74
C ASN C 98 -6.17 11.20 3.49
N ARG C 99 -6.02 12.50 3.28
CA ARG C 99 -6.59 13.12 2.08
C ARG C 99 -5.96 12.47 0.86
N ILE C 100 -4.65 12.28 0.91
CA ILE C 100 -3.94 11.67 -0.19
C ILE C 100 -4.40 10.24 -0.44
N LYS C 101 -4.50 9.45 0.63
CA LYS C 101 -4.96 8.06 0.52
C LYS C 101 -6.33 8.03 -0.15
N ASN C 102 -7.13 9.06 0.10
CA ASN C 102 -8.50 9.11 -0.44
C ASN C 102 -8.68 9.64 -1.86
N VAL C 103 -7.60 10.09 -2.50
CA VAL C 103 -7.74 10.56 -3.88
C VAL C 103 -8.10 9.32 -4.71
N GLU C 104 -9.13 9.43 -5.54
CA GLU C 104 -9.58 8.28 -6.33
C GLU C 104 -8.60 7.67 -7.32
N GLU C 105 -7.55 8.42 -7.68
CA GLU C 105 -6.52 7.95 -8.59
C GLU C 105 -5.43 7.17 -7.86
N VAL C 106 -5.19 7.58 -6.61
CA VAL C 106 -4.14 6.99 -5.79
C VAL C 106 -4.32 5.50 -5.48
N VAL C 107 -3.28 4.73 -5.80
CA VAL C 107 -3.29 3.29 -5.59
C VAL C 107 -2.67 2.94 -4.23
N ARG C 108 -1.57 3.60 -3.89
CA ARG C 108 -0.91 3.36 -2.62
C ARG C 108 0.16 4.41 -2.35
N ILE C 109 0.64 4.45 -1.11
CA ILE C 109 1.68 5.39 -0.72
C ILE C 109 2.89 4.59 -0.25
N PHE C 110 4.06 4.92 -0.81
CA PHE C 110 5.31 4.23 -0.48
C PHE C 110 6.02 4.79 0.75
N ALA C 111 5.92 6.11 0.93
CA ALA C 111 6.58 6.74 2.08
C ALA C 111 6.07 8.14 2.37
N ALA C 112 6.24 8.54 3.63
CA ALA C 112 5.87 9.86 4.12
C ALA C 112 6.91 10.07 5.23
N THR C 113 7.91 10.90 4.97
CA THR C 113 8.96 11.09 5.96
C THR C 113 9.86 12.31 5.71
N ALA C 114 10.71 12.57 6.69
CA ALA C 114 11.69 13.66 6.63
C ALA C 114 13.05 13.06 6.98
N ASN C 115 13.06 11.76 7.27
CA ASN C 115 14.30 11.05 7.60
C ASN C 115 15.02 10.74 6.29
N PRO C 116 16.31 10.35 6.36
CA PRO C 116 17.06 10.02 5.14
C PRO C 116 16.25 8.93 4.45
N LEU C 117 16.03 9.09 3.15
CA LEU C 117 15.23 8.12 2.41
C LEU C 117 15.83 7.61 1.11
N GLN C 118 15.73 6.30 0.91
CA GLN C 118 16.21 5.63 -0.29
C GLN C 118 15.00 4.93 -0.90
N VAL C 119 14.88 4.98 -2.22
CA VAL C 119 13.77 4.31 -2.90
C VAL C 119 14.36 3.17 -3.72
N LEU C 120 13.83 1.97 -3.54
CA LEU C 120 14.30 0.79 -4.25
C LEU C 120 13.51 0.65 -5.54
N VAL C 121 14.23 0.68 -6.66
CA VAL C 121 13.61 0.61 -7.97
C VAL C 121 14.10 -0.57 -8.81
N ALA C 122 13.16 -1.39 -9.27
CA ALA C 122 13.49 -2.53 -10.11
C ALA C 122 13.40 -2.06 -11.55
N GLU C 123 14.30 -2.55 -12.41
CA GLU C 123 14.29 -2.17 -13.81
C GLU C 123 14.19 -3.42 -14.67
N THR C 124 13.24 -3.40 -15.61
CA THR C 124 13.04 -4.54 -16.51
C THR C 124 13.20 -4.05 -17.94
N ASP C 125 12.87 -4.92 -18.89
CA ASP C 125 12.97 -4.57 -20.30
C ASP C 125 11.90 -3.54 -20.68
N GLN C 126 10.86 -3.43 -19.87
CA GLN C 126 9.79 -2.46 -20.15
C GLN C 126 10.05 -1.11 -19.51
N GLY C 127 10.39 -1.11 -18.23
CA GLY C 127 10.64 0.15 -17.54
C GLY C 127 11.10 -0.03 -16.12
N ARG C 128 10.70 0.89 -15.24
CA ARG C 128 11.09 0.85 -13.84
C ARG C 128 9.86 0.77 -12.92
N GLY C 129 10.05 0.12 -11.77
CA GLY C 129 8.97 -0.01 -10.81
C GLY C 129 9.52 0.04 -9.39
N VAL C 130 8.79 0.68 -8.48
CA VAL C 130 9.22 0.80 -7.09
C VAL C 130 8.88 -0.47 -6.32
N ILE C 131 9.89 -1.06 -5.66
CA ILE C 131 9.66 -2.28 -4.88
C ILE C 131 9.70 -2.01 -3.39
N GLY C 132 10.03 -0.78 -3.00
CA GLY C 132 10.09 -0.45 -1.60
C GLY C 132 10.99 0.74 -1.29
N VAL C 133 11.11 1.05 0.00
CA VAL C 133 11.94 2.17 0.43
C VAL C 133 12.68 1.83 1.72
N VAL C 134 13.73 2.59 2.00
CA VAL C 134 14.49 2.44 3.23
C VAL C 134 14.27 3.77 3.93
N ASP C 135 13.41 3.76 4.93
CA ASP C 135 13.06 4.96 5.67
C ASP C 135 13.77 5.03 7.01
N GLY C 136 14.78 5.89 7.10
CA GLY C 136 15.51 6.01 8.35
C GLY C 136 16.40 4.81 8.60
N TYR C 137 16.76 4.60 9.86
CA TYR C 137 17.65 3.50 10.24
C TYR C 137 16.98 2.32 10.93
N THR C 138 17.77 1.27 11.14
CA THR C 138 17.31 0.05 11.79
C THR C 138 17.19 0.24 13.31
N PRO C 139 16.34 -0.55 13.97
CA PRO C 139 16.14 -0.45 15.42
C PRO C 139 17.36 -0.92 16.22
N LEU C 140 17.65 -0.21 17.32
CA LEU C 140 18.78 -0.52 18.18
C LEU C 140 18.38 -1.15 19.51
N GLY C 141 17.13 -0.94 19.90
CA GLY C 141 16.68 -1.49 21.16
C GLY C 141 15.20 -1.29 21.41
N ILE C 142 14.76 -1.68 22.60
CA ILE C 142 13.36 -1.57 23.01
C ILE C 142 13.27 -0.46 24.06
N GLU C 143 12.33 0.45 23.87
CA GLU C 143 12.16 1.57 24.78
C GLU C 143 11.76 1.13 26.19
N THR C 144 12.22 1.90 27.18
CA THR C 144 11.94 1.61 28.58
C THR C 144 10.77 2.46 29.06
N GLU C 145 10.39 2.26 30.32
CA GLU C 145 9.30 3.03 30.90
C GLU C 145 9.67 4.51 30.85
N ALA C 146 10.93 4.80 31.12
CA ALA C 146 11.42 6.17 31.09
C ALA C 146 11.29 6.74 29.67
N ASP C 147 11.55 5.91 28.67
CA ASP C 147 11.44 6.34 27.29
C ASP C 147 9.97 6.61 26.97
N ILE C 148 9.09 5.77 27.52
CA ILE C 148 7.65 5.92 27.30
C ILE C 148 7.15 7.22 27.91
N LYS C 149 7.58 7.52 29.13
CA LYS C 149 7.18 8.76 29.80
C LYS C 149 7.59 9.93 28.93
N GLU C 150 8.78 9.85 28.38
CA GLU C 150 9.35 10.91 27.54
C GLU C 150 8.59 11.11 26.23
N ARG C 151 8.22 10.03 25.55
CA ARG C 151 7.50 10.19 24.29
C ARG C 151 6.09 10.70 24.53
N LYS C 152 5.53 10.42 25.70
CA LYS C 152 4.19 10.88 26.05
C LYS C 152 4.21 12.38 26.33
N GLU C 153 5.25 12.83 27.04
CA GLU C 153 5.39 14.26 27.36
C GLU C 153 5.60 15.03 26.08
N LEU C 154 6.34 14.42 25.16
CA LEU C 154 6.64 15.03 23.87
C LEU C 154 5.36 15.42 23.12
N LEU C 155 4.45 14.46 22.97
CA LEU C 155 3.21 14.73 22.25
C LEU C 155 2.35 15.78 22.96
N ARG C 156 2.39 15.78 24.30
CA ARG C 156 1.62 16.76 25.05
C ARG C 156 2.26 18.14 24.91
N LYS C 157 3.59 18.18 24.86
CA LYS C 157 4.29 19.44 24.72
C LYS C 157 3.99 20.05 23.35
N PHE C 158 3.96 19.21 22.32
CA PHE C 158 3.67 19.66 20.96
C PHE C 158 2.21 20.05 20.81
N GLY C 159 1.38 19.60 21.75
CA GLY C 159 -0.04 19.91 21.72
C GLY C 159 -0.89 18.96 20.92
N TYR C 160 -0.36 17.78 20.61
CA TYR C 160 -1.10 16.78 19.84
C TYR C 160 -2.05 15.98 20.72
N LYS C 161 -1.63 15.71 21.95
CA LYS C 161 -2.44 14.94 22.90
C LYS C 161 -2.49 15.69 24.23
N ARG C 162 -3.49 15.37 25.05
CA ARG C 162 -3.63 15.97 26.36
C ARG C 162 -3.29 14.91 27.40
C1 GOL D . -11.22 -14.73 9.90
O1 GOL D . -10.53 -15.95 10.15
C2 GOL D . -10.24 -13.57 9.88
O2 GOL D . -9.26 -13.79 8.85
C3 GOL D . -10.99 -12.26 9.60
O3 GOL D . -10.07 -11.16 9.59
C1 GOL E . -7.65 6.10 -16.29
O1 GOL E . -7.13 5.04 -15.51
C2 GOL E . -9.18 6.04 -16.26
O2 GOL E . -9.63 6.15 -14.89
C3 GOL E . -9.74 7.19 -17.10
O3 GOL E . -9.18 6.85 -18.31
#